data_6MTS
#
_entry.id   6MTS
#
_cell.length_a   67.424
_cell.length_b   69.628
_cell.length_c   122.192
_cell.angle_alpha   90.00
_cell.angle_beta   90.00
_cell.angle_gamma   90.00
#
_symmetry.space_group_name_H-M   'P 21 21 21'
#
loop_
_entity.id
_entity.type
_entity.pdbx_description
1 polymer 'Antibody VRC43.03 Fab heavy chain'
2 polymer 'Antibody VRC43.03 Fab light chain'
3 water water
#
loop_
_entity_poly.entity_id
_entity_poly.type
_entity_poly.pdbx_seq_one_letter_code
_entity_poly.pdbx_strand_id
1 'polypeptide(L)'
;QVQLQESGPGLMKPSGTLFLTCAVSGASISSSNWWNWVRQPPGKGLEWIGEIYHDGSVSRNPFLQSRITMSVDKSKNQFS
LKLTSVTAADTAVYYCAKRWDSSGWITRHTYDYGVDVWGRGTSVFVASASTKGPSVFPLAPSSKSTSGGTAALGCLVKDY
FPEPVTVSWNSGALTSGVHTFPAVLQSSGLYSLSSVVTVPSSSLGTQTYICNVNHKPSNTKVDKKVEPK
;
H
2 'polypeptide(L)'
;QTVVTQEPSLTVSPGGTVTLTCASSAGAVTSDFSPNWFLQKPGQVPRSLIYNTDKRHSWTPARFSGSLIGGKAALTLSGA
QPDDEGDYYCLVHYRGAWVFGGGTRLTVLSQPKAAPSVTLFPPSSEELQANKATLVCLISDFYPGAVTVAWKADSSPVKA
GVETTTPSKQSNNKYAASSYLSLTPEQWKSHRSYSCQVTHEGSTVEKTVAPTECS
;
L
#
# COMPACT_ATOMS: atom_id res chain seq x y z
N GLN A 1 24.55 -19.32 -0.24
CA GLN A 1 23.74 -18.40 -1.03
C GLN A 1 22.54 -19.13 -1.64
N VAL A 2 21.49 -19.28 -0.82
CA VAL A 2 20.26 -19.91 -1.29
C VAL A 2 19.47 -18.90 -2.10
N GLN A 3 19.03 -19.31 -3.29
CA GLN A 3 18.26 -18.46 -4.18
C GLN A 3 16.87 -19.05 -4.40
N LEU A 4 15.88 -18.17 -4.51
CA LEU A 4 14.50 -18.58 -4.72
C LEU A 4 13.94 -17.84 -5.94
N GLN A 5 13.08 -18.53 -6.69
CA GLN A 5 12.48 -17.98 -7.89
C GLN A 5 11.04 -18.48 -7.98
N GLU A 6 10.09 -17.56 -7.81
CA GLU A 6 8.68 -17.90 -7.90
C GLU A 6 8.15 -17.64 -9.30
N SER A 7 7.09 -18.36 -9.66
CA SER A 7 6.45 -18.22 -10.96
C SER A 7 4.94 -18.27 -10.77
N GLY A 8 4.24 -17.32 -11.39
CA GLY A 8 2.80 -17.24 -11.25
C GLY A 8 2.10 -17.02 -12.58
N PRO A 9 0.77 -17.00 -12.54
CA PRO A 9 0.00 -16.78 -13.78
C PRO A 9 0.00 -15.32 -14.21
N GLY A 10 0.12 -14.41 -13.26
CA GLY A 10 0.13 -12.99 -13.57
C GLY A 10 -1.25 -12.37 -13.55
N LEU A 11 -2.12 -12.83 -14.44
CA LEU A 11 -3.49 -12.33 -14.55
C LEU A 11 -4.45 -13.47 -14.32
N MET A 12 -5.40 -13.27 -13.40
CA MET A 12 -6.34 -14.32 -13.00
C MET A 12 -7.75 -13.75 -12.97
N LYS A 13 -8.73 -14.60 -13.35
CA LYS A 13 -10.16 -14.29 -13.33
C LYS A 13 -10.76 -14.63 -11.96
N PRO A 14 -11.83 -13.94 -11.56
CA PRO A 14 -12.37 -14.14 -10.22
C PRO A 14 -12.96 -15.54 -10.05
N SER A 15 -13.11 -15.93 -8.79
CA SER A 15 -13.61 -17.23 -8.35
C SER A 15 -12.74 -18.39 -8.84
N GLY A 16 -11.53 -18.11 -9.32
CA GLY A 16 -10.62 -19.14 -9.78
C GLY A 16 -9.70 -19.61 -8.67
N THR A 17 -8.77 -20.47 -9.06
CA THR A 17 -7.80 -21.06 -8.14
C THR A 17 -6.40 -20.57 -8.50
N LEU A 18 -5.68 -20.03 -7.51
CA LEU A 18 -4.34 -19.52 -7.72
C LEU A 18 -3.32 -20.61 -7.43
N PHE A 19 -2.42 -20.84 -8.38
CA PHE A 19 -1.39 -21.86 -8.27
C PHE A 19 -0.03 -21.22 -8.48
N LEU A 20 0.79 -21.19 -7.43
CA LEU A 20 2.12 -20.60 -7.48
C LEU A 20 3.16 -21.67 -7.22
N THR A 21 4.33 -21.52 -7.85
CA THR A 21 5.46 -22.41 -7.63
C THR A 21 6.69 -21.56 -7.29
N CYS A 22 7.63 -22.17 -6.57
CA CYS A 22 8.84 -21.49 -6.12
C CYS A 22 10.01 -22.44 -6.27
N ALA A 23 10.89 -22.17 -7.22
CA ALA A 23 12.07 -23.00 -7.44
C ALA A 23 13.17 -22.63 -6.46
N VAL A 24 13.78 -23.65 -5.86
CA VAL A 24 14.83 -23.46 -4.86
C VAL A 24 16.17 -23.83 -5.49
N SER A 25 17.14 -22.93 -5.39
CA SER A 25 18.49 -23.15 -5.89
C SER A 25 19.48 -23.03 -4.73
N GLY A 26 20.54 -23.85 -4.80
CA GLY A 26 21.52 -23.89 -3.74
C GLY A 26 21.09 -24.60 -2.48
N ALA A 27 19.88 -25.16 -2.45
CA ALA A 27 19.39 -25.87 -1.28
C ALA A 27 18.39 -26.92 -1.74
N SER A 28 18.17 -27.91 -0.87
CA SER A 28 17.25 -29.01 -1.15
C SER A 28 16.01 -28.88 -0.28
N ILE A 29 14.90 -29.44 -0.78
CA ILE A 29 13.65 -29.38 -0.04
C ILE A 29 13.73 -30.21 1.23
N SER A 30 14.38 -31.37 1.15
CA SER A 30 14.51 -32.28 2.29
C SER A 30 15.40 -31.73 3.41
N SER A 31 15.92 -30.51 3.31
CA SER A 31 16.72 -29.94 4.37
C SER A 31 15.84 -29.47 5.52
N SER A 32 16.48 -28.94 6.56
CA SER A 32 15.76 -28.45 7.74
C SER A 32 15.43 -26.97 7.55
N ASN A 33 14.42 -26.74 6.72
CA ASN A 33 13.97 -25.39 6.42
C ASN A 33 12.45 -25.37 6.26
N TRP A 34 11.85 -24.24 6.59
CA TRP A 34 10.42 -24.03 6.42
C TRP A 34 10.20 -23.11 5.22
N TRP A 35 9.44 -23.59 4.24
CA TRP A 35 9.21 -22.86 3.00
C TRP A 35 7.94 -22.03 3.14
N ASN A 36 8.09 -20.71 3.20
CA ASN A 36 7.01 -19.80 3.52
C ASN A 36 6.43 -19.17 2.26
N TRP A 37 5.25 -18.56 2.43
CA TRP A 37 4.60 -17.77 1.39
C TRP A 37 4.11 -16.48 2.02
N VAL A 38 4.40 -15.35 1.38
CA VAL A 38 4.02 -14.03 1.89
C VAL A 38 3.51 -13.19 0.72
N ARG A 39 2.40 -12.49 0.94
CA ARG A 39 1.83 -11.60 -0.06
C ARG A 39 1.70 -10.19 0.50
N GLN A 40 1.55 -9.23 -0.41
CA GLN A 40 1.44 -7.82 -0.04
C GLN A 40 0.45 -7.12 -0.96
N PRO A 41 -0.74 -6.80 -0.47
CA PRO A 41 -1.74 -6.11 -1.29
C PRO A 41 -1.24 -4.74 -1.73
N PRO A 42 -1.78 -4.19 -2.80
CA PRO A 42 -1.31 -2.88 -3.28
C PRO A 42 -1.58 -1.79 -2.25
N GLY A 43 -0.52 -1.06 -1.89
CA GLY A 43 -0.64 0.01 -0.92
C GLY A 43 -0.78 -0.43 0.52
N LYS A 44 -0.73 -1.72 0.81
CA LYS A 44 -0.89 -2.25 2.15
C LYS A 44 0.43 -2.87 2.62
N GLY A 45 0.37 -3.58 3.73
CA GLY A 45 1.54 -4.20 4.32
C GLY A 45 1.62 -5.69 4.03
N LEU A 46 2.66 -6.30 4.60
CA LEU A 46 2.89 -7.74 4.41
C LEU A 46 1.86 -8.55 5.18
N GLU A 47 1.55 -9.72 4.63
CA GLU A 47 0.59 -10.65 5.25
C GLU A 47 1.14 -12.06 5.14
N TRP A 48 1.35 -12.70 6.28
CA TRP A 48 1.86 -14.07 6.29
C TRP A 48 0.77 -15.04 5.86
N ILE A 49 1.12 -15.94 4.93
CA ILE A 49 0.16 -16.89 4.37
C ILE A 49 0.32 -18.24 5.05
N GLY A 50 1.50 -18.83 4.94
CA GLY A 50 1.74 -20.13 5.54
C GLY A 50 3.13 -20.62 5.22
N GLU A 51 3.49 -21.73 5.86
CA GLU A 51 4.77 -22.38 5.65
C GLU A 51 4.58 -23.88 5.72
N ILE A 52 5.49 -24.61 5.06
CA ILE A 52 5.41 -26.06 4.97
C ILE A 52 6.80 -26.66 5.17
N TYR A 53 6.86 -27.76 5.90
CA TYR A 53 8.08 -28.53 6.09
C TYR A 53 8.08 -29.72 5.13
N HIS A 54 9.27 -30.28 4.92
CA HIS A 54 9.40 -31.34 3.92
C HIS A 54 8.69 -32.62 4.33
N ASP A 55 8.35 -32.78 5.62
CA ASP A 55 7.63 -33.96 6.06
C ASP A 55 6.13 -33.88 5.82
N GLY A 56 5.62 -32.71 5.42
CA GLY A 56 4.22 -32.53 5.12
C GLY A 56 3.48 -31.63 6.11
N SER A 57 4.06 -31.39 7.29
CA SER A 57 3.40 -30.56 8.28
C SER A 57 3.34 -29.11 7.81
N VAL A 58 2.17 -28.49 7.96
CA VAL A 58 1.94 -27.13 7.49
C VAL A 58 1.38 -26.28 8.63
N SER A 59 1.47 -24.97 8.47
CA SER A 59 0.87 -24.01 9.37
C SER A 59 0.31 -22.86 8.54
N ARG A 60 -0.98 -22.61 8.66
CA ARG A 60 -1.68 -21.67 7.80
C ARG A 60 -2.17 -20.45 8.57
N ASN A 61 -2.51 -19.42 7.83
CA ASN A 61 -3.12 -18.23 8.42
C ASN A 61 -4.51 -18.60 8.93
N PRO A 62 -4.81 -18.32 10.21
CA PRO A 62 -6.10 -18.77 10.76
C PRO A 62 -7.32 -18.25 10.01
N PHE A 63 -7.25 -17.04 9.46
CA PHE A 63 -8.38 -16.49 8.72
C PHE A 63 -8.45 -16.96 7.28
N LEU A 64 -7.51 -17.82 6.84
CA LEU A 64 -7.51 -18.31 5.47
C LEU A 64 -7.21 -19.80 5.39
N GLN A 65 -7.45 -20.56 6.47
CA GLN A 65 -7.05 -21.96 6.49
C GLN A 65 -7.82 -22.78 5.47
N SER A 66 -9.12 -22.51 5.32
CA SER A 66 -9.95 -23.32 4.44
C SER A 66 -9.67 -23.10 2.97
N ARG A 67 -8.91 -22.06 2.62
CA ARG A 67 -8.64 -21.74 1.22
C ARG A 67 -7.17 -21.92 0.84
N ILE A 68 -6.31 -22.29 1.78
CA ILE A 68 -4.88 -22.41 1.55
C ILE A 68 -4.50 -23.89 1.49
N THR A 69 -3.70 -24.26 0.49
CA THR A 69 -3.15 -25.60 0.37
C THR A 69 -1.71 -25.49 -0.12
N MET A 70 -0.78 -26.08 0.64
CA MET A 70 0.64 -26.03 0.32
C MET A 70 1.18 -27.44 0.15
N SER A 71 2.12 -27.59 -0.78
CA SER A 71 2.73 -28.89 -1.05
C SER A 71 4.17 -28.68 -1.48
N VAL A 72 4.95 -29.76 -1.43
CA VAL A 72 6.34 -29.75 -1.85
C VAL A 72 6.54 -30.83 -2.91
N ASP A 73 7.58 -30.64 -3.72
CA ASP A 73 7.92 -31.58 -4.79
C ASP A 73 9.43 -31.82 -4.75
N LYS A 74 9.83 -33.02 -4.33
CA LYS A 74 11.25 -33.28 -4.10
C LYS A 74 12.00 -33.61 -5.40
N SER A 75 11.34 -34.26 -6.34
CA SER A 75 12.01 -34.57 -7.59
C SER A 75 12.26 -33.33 -8.44
N LYS A 76 11.48 -32.28 -8.23
CA LYS A 76 11.68 -30.99 -8.90
C LYS A 76 12.28 -29.93 -7.99
N ASN A 77 12.45 -30.23 -6.70
CA ASN A 77 13.03 -29.30 -5.73
C ASN A 77 12.22 -28.00 -5.68
N GLN A 78 10.90 -28.14 -5.59
CA GLN A 78 9.99 -27.00 -5.59
C GLN A 78 8.92 -27.21 -4.52
N PHE A 79 8.30 -26.10 -4.13
CA PHE A 79 7.13 -26.12 -3.26
C PHE A 79 6.10 -25.14 -3.82
N SER A 80 4.82 -25.48 -3.63
CA SER A 80 3.74 -24.76 -4.28
C SER A 80 2.77 -24.18 -3.25
N LEU A 81 1.85 -23.36 -3.76
CA LEU A 81 0.79 -22.74 -2.96
C LEU A 81 -0.48 -22.72 -3.78
N LYS A 82 -1.58 -23.15 -3.18
CA LYS A 82 -2.87 -23.23 -3.88
C LYS A 82 -3.92 -22.47 -3.07
N LEU A 83 -4.50 -21.45 -3.68
CA LEU A 83 -5.53 -20.62 -3.06
C LEU A 83 -6.79 -20.70 -3.91
N THR A 84 -7.91 -21.05 -3.27
CA THR A 84 -9.17 -21.28 -3.97
C THR A 84 -10.15 -20.14 -3.70
N SER A 85 -11.15 -20.05 -4.57
CA SER A 85 -12.20 -19.03 -4.51
C SER A 85 -11.59 -17.63 -4.37
N VAL A 86 -10.74 -17.30 -5.32
CA VAL A 86 -9.99 -16.05 -5.29
C VAL A 86 -10.88 -14.90 -5.75
N THR A 87 -10.84 -13.79 -5.02
CA THR A 87 -11.58 -12.58 -5.35
C THR A 87 -10.60 -11.44 -5.60
N ALA A 88 -11.14 -10.24 -5.82
CA ALA A 88 -10.30 -9.07 -6.05
C ALA A 88 -9.51 -8.68 -4.79
N ALA A 89 -9.95 -9.11 -3.61
CA ALA A 89 -9.23 -8.81 -2.38
C ALA A 89 -7.94 -9.62 -2.24
N ASP A 90 -7.68 -10.57 -3.14
CA ASP A 90 -6.47 -11.36 -3.12
C ASP A 90 -5.42 -10.85 -4.10
N THR A 91 -5.70 -9.79 -4.84
CA THR A 91 -4.71 -9.19 -5.71
C THR A 91 -3.56 -8.63 -4.88
N ALA A 92 -2.36 -9.15 -5.12
CA ALA A 92 -1.19 -8.79 -4.34
C ALA A 92 0.06 -9.28 -5.04
N VAL A 93 1.21 -8.87 -4.51
CA VAL A 93 2.51 -9.38 -4.94
C VAL A 93 2.90 -10.49 -3.97
N TYR A 94 3.10 -11.70 -4.49
CA TYR A 94 3.35 -12.88 -3.68
C TYR A 94 4.83 -13.21 -3.66
N TYR A 95 5.36 -13.45 -2.47
CA TYR A 95 6.75 -13.83 -2.28
C TYR A 95 6.81 -15.23 -1.66
N CYS A 96 7.86 -15.96 -2.00
CA CYS A 96 8.21 -17.20 -1.30
C CYS A 96 9.53 -16.98 -0.57
N ALA A 97 9.59 -17.47 0.67
CA ALA A 97 10.77 -17.30 1.51
C ALA A 97 11.04 -18.59 2.26
N LYS A 98 12.15 -18.61 3.00
CA LYS A 98 12.52 -19.76 3.80
C LYS A 98 13.15 -19.28 5.10
N ARG A 99 13.15 -20.17 6.08
CA ARG A 99 13.73 -19.90 7.38
C ARG A 99 14.22 -21.22 7.97
N TRP A 100 15.28 -21.13 8.78
CA TRP A 100 15.89 -22.33 9.35
C TRP A 100 15.05 -22.87 10.50
N ASP A 101 14.99 -24.19 10.60
CA ASP A 101 14.29 -24.85 11.69
C ASP A 101 15.28 -25.17 12.80
N SER A 102 14.86 -24.93 14.04
CA SER A 102 15.69 -25.16 15.22
C SER A 102 15.04 -26.19 16.12
N SER A 103 15.84 -26.69 17.06
CA SER A 103 15.38 -27.69 18.02
C SER A 103 16.17 -27.52 19.30
N GLY A 104 15.73 -28.23 20.34
CA GLY A 104 16.30 -28.07 21.67
C GLY A 104 17.23 -29.20 22.07
N TRP A 105 16.68 -30.41 22.24
CA TRP A 105 17.47 -31.58 22.57
C TRP A 105 17.32 -32.65 21.49
N ILE A 106 16.13 -33.22 21.34
CA ILE A 106 15.83 -34.16 20.26
C ILE A 106 15.30 -33.34 19.10
N THR A 107 15.03 -34.00 17.98
CA THR A 107 14.46 -33.29 16.83
C THR A 107 13.08 -32.76 17.19
N ARG A 108 12.89 -31.45 17.04
CA ARG A 108 11.65 -30.81 17.46
C ARG A 108 11.49 -29.51 16.68
N HIS A 109 10.28 -28.97 16.74
CA HIS A 109 9.91 -27.77 16.00
C HIS A 109 9.98 -26.55 16.93
N THR A 110 11.20 -26.10 17.20
CA THR A 110 11.44 -24.88 17.95
C THR A 110 11.75 -23.75 16.97
N TYR A 111 11.18 -22.58 17.23
CA TYR A 111 11.25 -21.45 16.31
C TYR A 111 12.23 -20.41 16.83
N ASP A 112 13.51 -20.73 16.70
CA ASP A 112 14.58 -19.81 17.08
C ASP A 112 15.07 -18.97 15.90
N TYR A 113 15.38 -19.62 14.79
CA TYR A 113 15.86 -18.92 13.61
C TYR A 113 14.70 -18.32 12.83
N GLY A 114 14.99 -17.26 12.09
CA GLY A 114 13.96 -16.56 11.34
C GLY A 114 14.20 -16.54 9.84
N VAL A 115 13.38 -15.75 9.12
CA VAL A 115 13.48 -15.69 7.67
C VAL A 115 14.80 -15.03 7.28
N ASP A 116 15.53 -15.68 6.37
CA ASP A 116 16.81 -15.18 5.92
C ASP A 116 16.94 -15.06 4.39
N VAL A 117 16.07 -15.70 3.62
CA VAL A 117 16.13 -15.66 2.16
C VAL A 117 14.76 -15.30 1.63
N TRP A 118 14.72 -14.36 0.68
CA TRP A 118 13.49 -13.95 0.04
C TRP A 118 13.56 -14.22 -1.46
N GLY A 119 12.40 -14.31 -2.09
CA GLY A 119 12.30 -14.45 -3.53
C GLY A 119 12.33 -13.10 -4.22
N ARG A 120 11.90 -13.10 -5.48
CA ARG A 120 11.82 -11.89 -6.27
C ARG A 120 10.41 -11.35 -6.40
N GLY A 121 9.41 -12.07 -5.88
CA GLY A 121 8.04 -11.60 -5.94
C GLY A 121 7.38 -11.82 -7.28
N THR A 122 6.07 -12.09 -7.28
CA THR A 122 5.31 -12.25 -8.50
C THR A 122 3.99 -11.51 -8.36
N SER A 123 3.61 -10.79 -9.41
CA SER A 123 2.39 -9.99 -9.41
C SER A 123 1.21 -10.86 -9.82
N VAL A 124 0.14 -10.83 -9.01
CA VAL A 124 -1.08 -11.57 -9.27
C VAL A 124 -2.23 -10.58 -9.19
N PHE A 125 -2.89 -10.31 -10.32
CA PHE A 125 -4.02 -9.41 -10.39
C PHE A 125 -5.29 -10.20 -10.69
N VAL A 126 -6.31 -10.01 -9.88
CA VAL A 126 -7.59 -10.68 -10.03
C VAL A 126 -8.53 -9.70 -10.74
N ALA A 127 -8.73 -9.92 -12.04
CA ALA A 127 -9.54 -9.01 -12.85
C ALA A 127 -11.02 -9.16 -12.51
N SER A 128 -11.50 -8.40 -11.53
CA SER A 128 -12.91 -8.45 -11.16
C SER A 128 -13.82 -7.74 -12.16
N ALA A 129 -13.25 -6.94 -13.06
CA ALA A 129 -14.03 -6.24 -14.07
C ALA A 129 -13.33 -6.36 -15.42
N SER A 130 -14.09 -6.13 -16.48
CA SER A 130 -13.58 -6.23 -17.83
C SER A 130 -13.09 -4.86 -18.30
N THR A 131 -12.75 -4.76 -19.59
CA THR A 131 -12.31 -3.49 -20.15
C THR A 131 -13.46 -2.49 -20.15
N LYS A 132 -13.20 -1.31 -19.61
CA LYS A 132 -14.23 -0.27 -19.49
C LYS A 132 -13.63 1.09 -19.81
N GLY A 133 -14.32 1.86 -20.65
CA GLY A 133 -13.91 3.20 -20.97
C GLY A 133 -14.11 4.13 -19.79
N PRO A 134 -13.29 5.19 -19.72
CA PRO A 134 -13.37 6.10 -18.57
C PRO A 134 -14.51 7.09 -18.69
N SER A 135 -15.03 7.48 -17.53
CA SER A 135 -16.05 8.53 -17.42
C SER A 135 -15.39 9.79 -16.91
N VAL A 136 -15.38 10.84 -17.74
CA VAL A 136 -14.70 12.09 -17.42
C VAL A 136 -15.74 13.08 -16.89
N PHE A 137 -15.53 13.55 -15.66
CA PHE A 137 -16.39 14.56 -15.05
C PHE A 137 -15.58 15.79 -14.71
N PRO A 138 -16.16 16.99 -14.84
CA PRO A 138 -15.41 18.21 -14.61
C PRO A 138 -15.25 18.53 -13.14
N LEU A 139 -14.05 19.00 -12.78
CA LEU A 139 -13.77 19.49 -11.43
C LEU A 139 -13.72 21.02 -11.52
N ALA A 140 -14.88 21.64 -11.38
CA ALA A 140 -15.00 23.07 -11.61
C ALA A 140 -14.64 23.84 -10.34
N PRO A 141 -14.01 25.02 -10.49
CA PRO A 141 -13.68 25.90 -9.35
C PRO A 141 -14.87 26.73 -8.89
N SER A 147 -7.37 30.07 -4.67
CA SER A 147 -6.10 30.49 -4.09
C SER A 147 -5.75 31.92 -4.50
N GLY A 148 -6.73 32.81 -4.39
CA GLY A 148 -6.51 34.22 -4.71
C GLY A 148 -6.23 34.48 -6.17
N GLY A 149 -4.97 34.77 -6.49
CA GLY A 149 -4.59 35.08 -7.86
C GLY A 149 -4.67 33.90 -8.80
N THR A 150 -4.63 32.67 -8.27
CA THR A 150 -4.70 31.47 -9.08
C THR A 150 -5.88 30.62 -8.64
N ALA A 151 -6.36 29.79 -9.56
CA ALA A 151 -7.48 28.88 -9.30
C ALA A 151 -7.12 27.49 -9.78
N ALA A 152 -7.84 26.50 -9.25
CA ALA A 152 -7.59 25.10 -9.55
C ALA A 152 -8.84 24.48 -10.17
N LEU A 153 -8.68 23.90 -11.35
CA LEU A 153 -9.74 23.17 -12.02
C LEU A 153 -9.15 21.88 -12.60
N GLY A 154 -10.01 20.89 -12.80
CA GLY A 154 -9.52 19.62 -13.27
C GLY A 154 -10.61 18.75 -13.86
N CYS A 155 -10.23 17.48 -14.10
CA CYS A 155 -11.12 16.48 -14.66
C CYS A 155 -10.99 15.18 -13.88
N LEU A 156 -12.13 14.56 -13.58
CA LEU A 156 -12.17 13.32 -12.81
C LEU A 156 -12.35 12.16 -13.79
N VAL A 157 -11.29 11.37 -13.97
CA VAL A 157 -11.33 10.20 -14.84
C VAL A 157 -11.75 9.02 -13.98
N LYS A 158 -13.01 8.59 -14.13
CA LYS A 158 -13.64 7.68 -13.20
C LYS A 158 -13.89 6.32 -13.85
N ASP A 159 -13.56 5.25 -13.12
CA ASP A 159 -13.94 3.88 -13.46
C ASP A 159 -13.47 3.48 -14.86
N TYR A 160 -12.19 3.18 -15.01
CA TYR A 160 -11.64 2.66 -16.25
C TYR A 160 -10.78 1.44 -15.95
N PHE A 161 -10.47 0.70 -17.01
CA PHE A 161 -9.68 -0.52 -16.92
C PHE A 161 -9.27 -0.96 -18.31
N PRO A 162 -7.98 -1.32 -18.53
CA PRO A 162 -6.87 -1.36 -17.59
C PRO A 162 -6.11 -0.05 -17.42
N GLU A 163 -4.86 -0.17 -16.99
CA GLU A 163 -4.15 0.95 -16.36
C GLU A 163 -3.81 2.10 -17.29
N PRO A 164 -3.31 1.91 -18.52
CA PRO A 164 -2.72 3.04 -19.27
C PRO A 164 -3.76 4.11 -19.62
N VAL A 165 -3.55 5.31 -19.09
CA VAL A 165 -4.36 6.48 -19.39
C VAL A 165 -3.47 7.71 -19.40
N THR A 166 -3.55 8.52 -20.47
CA THR A 166 -2.79 9.74 -20.61
C THR A 166 -3.73 10.94 -20.61
N VAL A 167 -3.31 12.02 -19.94
CA VAL A 167 -4.13 13.22 -19.81
C VAL A 167 -3.29 14.42 -20.21
N SER A 168 -3.85 15.28 -21.06
CA SER A 168 -3.23 16.53 -21.46
C SER A 168 -4.24 17.67 -21.34
N TRP A 169 -3.75 18.89 -21.37
CA TRP A 169 -4.57 20.09 -21.25
C TRP A 169 -4.35 20.99 -22.46
N ASN A 170 -5.44 21.35 -23.13
CA ASN A 170 -5.40 22.20 -24.33
C ASN A 170 -4.47 21.62 -25.39
N SER A 171 -4.64 20.32 -25.65
CA SER A 171 -3.87 19.61 -26.68
C SER A 171 -2.38 19.68 -26.40
N GLY A 172 -2.00 19.61 -25.12
CA GLY A 172 -0.61 19.65 -24.74
C GLY A 172 0.03 21.02 -24.72
N ALA A 173 -0.75 22.09 -24.94
CA ALA A 173 -0.18 23.43 -24.92
C ALA A 173 0.01 23.95 -23.50
N LEU A 174 -0.83 23.53 -22.57
CA LEU A 174 -0.76 23.98 -21.17
C LEU A 174 0.03 22.93 -20.39
N THR A 175 1.31 23.21 -20.14
CA THR A 175 2.19 22.26 -19.46
C THR A 175 2.66 22.73 -18.09
N SER A 176 2.64 24.04 -17.83
CA SER A 176 3.05 24.57 -16.54
C SER A 176 1.84 24.71 -15.62
N GLY A 177 1.95 24.17 -14.42
CA GLY A 177 0.85 24.18 -13.47
C GLY A 177 -0.06 22.97 -13.53
N VAL A 178 0.28 21.95 -14.32
CA VAL A 178 -0.52 20.75 -14.46
C VAL A 178 0.03 19.69 -13.52
N HIS A 179 -0.88 19.04 -12.77
CA HIS A 179 -0.50 17.97 -11.85
C HIS A 179 -1.51 16.84 -12.01
N THR A 180 -1.04 15.69 -12.49
CA THR A 180 -1.87 14.51 -12.67
C THR A 180 -1.55 13.52 -11.55
N PHE A 181 -2.55 13.25 -10.71
CA PHE A 181 -2.37 12.33 -9.59
C PHE A 181 -2.37 10.88 -10.09
N PRO A 182 -1.57 10.01 -9.48
CA PRO A 182 -1.63 8.59 -9.83
C PRO A 182 -2.98 7.99 -9.47
N ALA A 183 -3.42 7.03 -10.29
CA ALA A 183 -4.75 6.48 -10.14
C ALA A 183 -4.86 5.61 -8.90
N VAL A 184 -6.09 5.48 -8.39
CA VAL A 184 -6.40 4.62 -7.25
C VAL A 184 -7.02 3.33 -7.78
N LEU A 185 -6.67 2.21 -7.16
CA LEU A 185 -7.22 0.90 -7.51
C LEU A 185 -8.38 0.61 -6.58
N GLN A 186 -9.61 0.79 -7.08
CA GLN A 186 -10.79 0.55 -6.27
C GLN A 186 -10.99 -0.94 -6.05
N SER A 187 -11.81 -1.26 -5.03
CA SER A 187 -12.09 -2.66 -4.72
C SER A 187 -12.91 -3.35 -5.80
N SER A 188 -13.58 -2.59 -6.67
CA SER A 188 -14.36 -3.16 -7.76
C SER A 188 -13.51 -3.53 -8.96
N GLY A 189 -12.19 -3.36 -8.88
CA GLY A 189 -11.31 -3.68 -9.99
C GLY A 189 -11.16 -2.59 -11.02
N LEU A 190 -11.65 -1.38 -10.75
CA LEU A 190 -11.57 -0.26 -11.67
C LEU A 190 -10.63 0.81 -11.13
N TYR A 191 -10.01 1.54 -12.05
CA TYR A 191 -9.10 2.62 -11.71
C TYR A 191 -9.80 3.97 -11.80
N SER A 192 -9.22 4.96 -11.11
CA SER A 192 -9.74 6.32 -11.13
C SER A 192 -8.63 7.27 -10.72
N LEU A 193 -8.45 8.35 -11.48
CA LEU A 193 -7.45 9.36 -11.18
C LEU A 193 -8.07 10.74 -11.33
N SER A 194 -7.28 11.76 -11.00
CA SER A 194 -7.70 13.15 -11.13
C SER A 194 -6.52 13.99 -11.58
N SER A 195 -6.75 14.81 -12.60
CA SER A 195 -5.73 15.72 -13.13
C SER A 195 -6.21 17.15 -12.93
N VAL A 196 -5.40 17.95 -12.24
CA VAL A 196 -5.77 19.32 -11.89
C VAL A 196 -4.72 20.26 -12.45
N VAL A 197 -5.15 21.47 -12.83
CA VAL A 197 -4.28 22.48 -13.40
C VAL A 197 -4.50 23.79 -12.65
N THR A 198 -3.41 24.52 -12.41
CA THR A 198 -3.46 25.82 -11.75
C THR A 198 -3.43 26.92 -12.81
N VAL A 199 -4.49 27.73 -12.85
CA VAL A 199 -4.61 28.77 -13.86
C VAL A 199 -4.89 30.09 -13.15
N PRO A 200 -4.59 31.21 -13.81
CA PRO A 200 -4.96 32.52 -13.24
C PRO A 200 -6.46 32.64 -13.06
N SER A 201 -6.88 33.08 -11.87
CA SER A 201 -8.30 33.16 -11.55
C SER A 201 -9.01 34.24 -12.34
N SER A 202 -8.30 35.22 -12.90
CA SER A 202 -8.92 36.27 -13.67
C SER A 202 -9.27 35.84 -15.08
N SER A 203 -8.67 34.76 -15.58
CA SER A 203 -8.94 34.26 -16.91
C SER A 203 -10.07 33.24 -16.96
N LEU A 204 -10.70 32.93 -15.83
CA LEU A 204 -11.75 31.92 -15.79
C LEU A 204 -12.98 32.34 -16.58
N GLY A 205 -13.14 33.62 -16.87
CA GLY A 205 -14.30 34.09 -17.59
C GLY A 205 -14.08 34.26 -19.07
N THR A 206 -12.81 34.39 -19.49
CA THR A 206 -12.48 34.63 -20.88
C THR A 206 -11.66 33.52 -21.53
N GLN A 207 -11.03 32.65 -20.76
CA GLN A 207 -10.20 31.58 -21.29
C GLN A 207 -10.86 30.23 -21.04
N THR A 208 -10.89 29.39 -22.08
CA THR A 208 -11.46 28.06 -21.98
C THR A 208 -10.35 27.03 -21.78
N TYR A 209 -10.60 26.06 -20.92
CA TYR A 209 -9.65 25.00 -20.61
C TYR A 209 -10.31 23.66 -20.90
N ILE A 210 -9.61 22.80 -21.64
CA ILE A 210 -10.13 21.51 -22.08
C ILE A 210 -9.17 20.42 -21.64
N CYS A 211 -9.71 19.39 -20.99
CA CYS A 211 -8.92 18.26 -20.51
C CYS A 211 -9.07 17.10 -21.48
N ASN A 212 -7.94 16.66 -22.05
CA ASN A 212 -7.92 15.62 -23.07
C ASN A 212 -7.53 14.30 -22.44
N VAL A 213 -8.42 13.30 -22.54
CA VAL A 213 -8.22 11.98 -21.96
C VAL A 213 -8.10 10.97 -23.09
N ASN A 214 -7.09 10.09 -22.99
CA ASN A 214 -6.85 9.06 -23.99
C ASN A 214 -6.77 7.71 -23.26
N HIS A 215 -7.61 6.76 -23.67
CA HIS A 215 -7.63 5.41 -23.11
C HIS A 215 -7.60 4.43 -24.28
N LYS A 216 -6.39 4.07 -24.71
CA LYS A 216 -6.25 3.18 -25.86
C LYS A 216 -6.82 1.79 -25.64
N PRO A 217 -6.69 1.14 -24.47
CA PRO A 217 -7.29 -0.21 -24.32
C PRO A 217 -8.76 -0.29 -24.65
N SER A 218 -9.52 0.79 -24.45
CA SER A 218 -10.91 0.84 -24.85
C SER A 218 -11.14 1.66 -26.12
N ASN A 219 -10.07 2.19 -26.72
CA ASN A 219 -10.17 3.01 -27.93
C ASN A 219 -11.11 4.19 -27.72
N THR A 220 -10.93 4.88 -26.60
CA THR A 220 -11.79 6.00 -26.21
C THR A 220 -10.93 7.24 -25.99
N LYS A 221 -11.31 8.33 -26.65
CA LYS A 221 -10.66 9.63 -26.48
C LYS A 221 -11.72 10.66 -26.14
N VAL A 222 -11.47 11.48 -25.13
CA VAL A 222 -12.44 12.43 -24.60
C VAL A 222 -11.78 13.79 -24.45
N ASP A 223 -12.46 14.83 -24.91
CA ASP A 223 -12.08 16.22 -24.67
C ASP A 223 -13.21 16.86 -23.86
N LYS A 224 -12.89 17.34 -22.66
CA LYS A 224 -13.89 17.85 -21.73
C LYS A 224 -13.58 19.30 -21.41
N LYS A 225 -14.51 20.19 -21.73
CA LYS A 225 -14.40 21.60 -21.37
C LYS A 225 -14.78 21.79 -19.90
N VAL A 226 -13.92 22.47 -19.15
CA VAL A 226 -14.14 22.72 -17.73
C VAL A 226 -14.63 24.15 -17.57
N GLU A 227 -15.90 24.30 -17.23
CA GLU A 227 -16.55 25.60 -17.08
C GLU A 227 -16.45 26.08 -15.63
N PRO A 228 -16.65 27.38 -15.39
CA PRO A 228 -16.59 27.86 -14.00
C PRO A 228 -17.72 27.35 -13.13
N LYS A 229 -18.96 27.15 -13.64
CA LYS A 229 -20.08 26.49 -12.86
C LYS A 229 -20.33 27.12 -11.48
N GLN B 1 -3.67 -15.81 15.68
CA GLN B 1 -3.12 -14.51 15.34
C GLN B 1 -3.63 -13.42 16.28
N THR B 2 -2.77 -12.44 16.57
CA THR B 2 -3.09 -11.28 17.36
C THR B 2 -3.15 -10.04 16.45
N VAL B 3 -3.05 -8.87 17.06
CA VAL B 3 -3.01 -7.60 16.33
C VAL B 3 -1.70 -6.92 16.67
N VAL B 4 -0.74 -6.95 15.75
CA VAL B 4 0.56 -6.34 15.96
C VAL B 4 0.47 -4.86 15.59
N THR B 5 1.01 -4.01 16.45
CA THR B 5 0.91 -2.56 16.30
C THR B 5 2.29 -1.95 16.22
N GLN B 6 2.51 -1.11 15.22
CA GLN B 6 3.72 -0.32 15.07
C GLN B 6 3.35 1.14 14.89
N GLU B 7 4.34 2.02 14.98
CA GLU B 7 4.10 3.43 14.71
C GLU B 7 3.76 3.61 13.23
N PRO B 8 2.78 4.48 12.92
CA PRO B 8 2.49 4.73 11.50
C PRO B 8 3.67 5.30 10.74
N SER B 9 4.39 6.24 11.33
CA SER B 9 5.55 6.85 10.68
C SER B 9 6.40 7.55 11.73
N LEU B 10 7.71 7.52 11.53
CA LEU B 10 8.65 8.20 12.40
C LEU B 10 9.76 8.82 11.56
N THR B 11 10.36 9.88 12.09
CA THR B 11 11.40 10.61 11.39
C THR B 11 12.68 10.63 12.21
N VAL B 12 13.80 10.85 11.53
CA VAL B 12 15.11 10.91 12.17
C VAL B 12 16.05 11.67 11.25
N SER B 13 16.93 12.46 11.84
CA SER B 13 17.91 13.23 11.09
C SER B 13 19.10 12.36 10.69
N PRO B 14 19.82 12.74 9.62
CA PRO B 14 21.01 11.98 9.22
C PRO B 14 22.06 11.95 10.32
N GLY B 15 22.29 10.78 10.90
CA GLY B 15 23.24 10.62 11.99
C GLY B 15 22.61 10.54 13.37
N GLY B 16 21.29 10.68 13.46
CA GLY B 16 20.62 10.61 14.75
C GLY B 16 20.21 9.19 15.11
N THR B 17 19.53 9.09 16.25
CA THR B 17 19.08 7.80 16.78
C THR B 17 17.56 7.77 16.82
N VAL B 18 17.00 6.59 16.55
CA VAL B 18 15.56 6.40 16.52
C VAL B 18 15.26 4.95 16.90
N THR B 19 14.12 4.74 17.56
CA THR B 19 13.71 3.42 18.01
C THR B 19 12.29 3.13 17.54
N LEU B 20 12.12 2.02 16.84
CA LEU B 20 10.81 1.55 16.39
C LEU B 20 10.32 0.45 17.31
N THR B 21 9.07 0.56 17.74
CA THR B 21 8.48 -0.42 18.65
C THR B 21 7.55 -1.36 17.90
N CYS B 22 7.20 -2.46 18.56
CA CYS B 22 6.37 -3.51 17.96
C CYS B 22 5.57 -4.15 19.09
N ALA B 23 4.30 -3.77 19.21
CA ALA B 23 3.45 -4.22 20.30
C ALA B 23 2.49 -5.31 19.84
N SER B 24 1.99 -6.06 20.82
CA SER B 24 1.03 -7.13 20.58
C SER B 24 -0.22 -6.90 21.42
N SER B 25 -1.37 -7.31 20.87
CA SER B 25 -2.63 -7.14 21.57
C SER B 25 -2.86 -8.19 22.66
N ALA B 26 -1.97 -9.18 22.77
CA ALA B 26 -2.11 -10.22 23.79
C ALA B 26 -1.36 -9.89 25.06
N GLY B 27 -0.47 -8.90 25.06
CA GLY B 27 0.27 -8.53 26.25
C GLY B 27 1.73 -8.21 25.95
N ALA B 28 2.60 -8.49 26.92
CA ALA B 28 4.02 -8.21 26.74
C ALA B 28 4.62 -9.15 25.70
N VAL B 29 5.71 -8.70 25.10
CA VAL B 29 6.42 -9.45 24.07
C VAL B 29 7.65 -10.07 24.71
N THR B 30 7.61 -11.37 24.96
CA THR B 30 8.75 -12.11 25.47
C THR B 30 9.60 -12.63 24.33
N SER B 31 10.72 -13.27 24.67
CA SER B 31 11.60 -13.83 23.65
C SER B 31 10.97 -15.02 22.94
N ASP B 32 9.92 -15.62 23.51
CA ASP B 32 9.25 -16.74 22.87
C ASP B 32 8.52 -16.32 21.60
N PHE B 33 8.18 -15.03 21.46
CA PHE B 33 7.58 -14.56 20.22
C PHE B 33 8.57 -14.64 19.06
N SER B 34 9.87 -14.58 19.36
CA SER B 34 10.93 -14.56 18.36
C SER B 34 10.68 -13.47 17.34
N PRO B 35 10.76 -12.20 17.73
CA PRO B 35 10.41 -11.12 16.81
C PRO B 35 11.49 -10.90 15.75
N ASN B 36 11.05 -10.75 14.51
CA ASN B 36 11.93 -10.45 13.39
C ASN B 36 11.64 -9.05 12.87
N TRP B 37 12.65 -8.46 12.23
CA TRP B 37 12.52 -7.12 11.66
C TRP B 37 12.96 -7.15 10.20
N PHE B 38 12.14 -6.58 9.33
CA PHE B 38 12.41 -6.52 7.90
C PHE B 38 12.31 -5.09 7.41
N LEU B 39 13.11 -4.77 6.41
CA LEU B 39 13.11 -3.44 5.78
C LEU B 39 12.79 -3.60 4.31
N GLN B 40 11.86 -2.77 3.82
CA GLN B 40 11.44 -2.80 2.42
C GLN B 40 11.63 -1.42 1.82
N LYS B 41 12.56 -1.29 0.88
CA LYS B 41 12.70 -0.07 0.11
C LYS B 41 11.54 0.04 -0.89
N PRO B 42 11.19 1.27 -1.30
CA PRO B 42 10.08 1.43 -2.25
C PRO B 42 10.35 0.73 -3.58
N GLY B 43 9.58 -0.31 -3.87
CA GLY B 43 9.74 -1.08 -5.09
C GLY B 43 10.64 -2.30 -4.96
N GLN B 44 11.31 -2.47 -3.83
CA GLN B 44 12.23 -3.58 -3.63
C GLN B 44 11.54 -4.72 -2.86
N VAL B 45 12.22 -5.86 -2.83
CA VAL B 45 11.81 -7.01 -2.03
C VAL B 45 12.24 -6.74 -0.59
N PRO B 46 11.41 -7.02 0.41
CA PRO B 46 11.82 -6.78 1.80
C PRO B 46 13.08 -7.55 2.17
N ARG B 47 13.93 -6.92 2.97
CA ARG B 47 15.22 -7.47 3.34
C ARG B 47 15.24 -7.81 4.82
N SER B 48 15.78 -8.98 5.15
CA SER B 48 15.86 -9.42 6.53
C SER B 48 16.94 -8.67 7.28
N LEU B 49 16.62 -8.24 8.51
CA LEU B 49 17.57 -7.50 9.34
C LEU B 49 17.86 -8.25 10.63
N ILE B 50 16.89 -8.36 11.53
CA ILE B 50 17.08 -9.00 12.83
C ILE B 50 16.13 -10.18 12.94
N TYR B 51 16.62 -11.31 13.45
CA TYR B 51 15.81 -12.48 13.72
C TYR B 51 15.98 -12.87 15.18
N ASN B 52 14.86 -13.21 15.82
CA ASN B 52 14.82 -13.58 17.23
C ASN B 52 15.43 -12.46 18.11
N THR B 53 14.64 -11.40 18.25
CA THR B 53 14.92 -10.29 19.15
C THR B 53 16.17 -9.50 18.77
N ASP B 54 17.35 -10.11 18.89
CA ASP B 54 18.59 -9.34 18.81
C ASP B 54 19.71 -10.14 18.14
N LYS B 55 19.40 -10.79 17.03
CA LYS B 55 20.41 -11.50 16.24
C LYS B 55 20.47 -10.90 14.85
N ARG B 56 21.65 -10.45 14.45
CA ARG B 56 21.84 -9.87 13.13
C ARG B 56 22.23 -10.96 12.13
N HIS B 57 21.79 -10.77 10.89
CA HIS B 57 22.24 -11.61 9.79
C HIS B 57 23.62 -11.16 9.33
N SER B 58 24.15 -11.86 8.32
CA SER B 58 25.48 -11.53 7.82
C SER B 58 25.51 -10.19 7.08
N TRP B 59 24.35 -9.68 6.68
CA TRP B 59 24.29 -8.43 5.92
C TRP B 59 23.74 -7.25 6.72
N THR B 60 23.26 -7.47 7.93
CA THR B 60 22.71 -6.38 8.73
C THR B 60 23.84 -5.51 9.27
N PRO B 61 23.85 -4.21 8.99
CA PRO B 61 24.90 -3.35 9.52
C PRO B 61 24.84 -3.25 11.04
N ALA B 62 25.96 -2.85 11.62
CA ALA B 62 26.05 -2.70 13.08
C ALA B 62 25.22 -1.55 13.60
N ARG B 63 24.64 -0.72 12.74
CA ARG B 63 23.82 0.39 13.19
C ARG B 63 22.50 -0.09 13.77
N PHE B 64 22.03 -1.26 13.34
CA PHE B 64 20.74 -1.78 13.79
C PHE B 64 20.92 -2.68 15.01
N SER B 65 19.97 -2.60 15.93
CA SER B 65 19.99 -3.41 17.14
C SER B 65 18.56 -3.62 17.62
N GLY B 66 18.30 -4.80 18.18
CA GLY B 66 16.98 -5.12 18.69
C GLY B 66 17.00 -5.52 20.15
N SER B 67 15.85 -5.42 20.81
CA SER B 67 15.72 -5.79 22.22
C SER B 67 14.23 -5.77 22.57
N LEU B 68 13.94 -6.09 23.83
CA LEU B 68 12.59 -6.03 24.38
C LEU B 68 12.55 -4.90 25.40
N ILE B 69 11.72 -3.89 25.15
CA ILE B 69 11.65 -2.69 25.97
C ILE B 69 10.21 -2.51 26.43
N GLY B 70 9.96 -2.74 27.72
CA GLY B 70 8.66 -2.50 28.32
C GLY B 70 7.53 -3.29 27.69
N GLY B 71 7.73 -4.59 27.48
CA GLY B 71 6.72 -5.42 26.87
C GLY B 71 6.56 -5.26 25.38
N LYS B 72 7.50 -4.59 24.71
CA LYS B 72 7.45 -4.40 23.27
C LYS B 72 8.79 -4.75 22.66
N ALA B 73 8.75 -5.34 21.47
CA ALA B 73 9.97 -5.57 20.70
C ALA B 73 10.38 -4.28 20.01
N ALA B 74 11.64 -3.89 20.17
CA ALA B 74 12.14 -2.61 19.70
C ALA B 74 13.32 -2.81 18.77
N LEU B 75 13.35 -2.00 17.69
CA LEU B 75 14.47 -1.95 16.77
C LEU B 75 15.09 -0.56 16.84
N THR B 76 16.36 -0.49 17.21
CA THR B 76 17.06 0.76 17.41
C THR B 76 18.07 1.00 16.30
N LEU B 77 18.10 2.22 15.77
CA LEU B 77 19.02 2.61 14.72
C LEU B 77 19.91 3.73 15.25
N SER B 78 21.22 3.53 15.15
CA SER B 78 22.21 4.50 15.63
C SER B 78 23.03 4.98 14.44
N GLY B 79 23.09 6.29 14.26
CA GLY B 79 23.79 6.85 13.12
C GLY B 79 23.00 6.68 11.83
N ALA B 80 21.94 7.46 11.69
CA ALA B 80 21.02 7.28 10.57
C ALA B 80 21.66 7.76 9.26
N GLN B 81 21.58 6.91 8.24
CA GLN B 81 21.98 7.23 6.88
C GLN B 81 20.77 7.27 5.96
N PRO B 82 20.80 8.10 4.92
CA PRO B 82 19.66 8.15 3.99
C PRO B 82 19.34 6.81 3.33
N ASP B 83 20.29 5.87 3.30
CA ASP B 83 20.02 4.56 2.74
C ASP B 83 19.07 3.75 3.61
N ASP B 84 18.99 4.06 4.91
CA ASP B 84 18.13 3.31 5.82
C ASP B 84 16.66 3.69 5.74
N GLU B 85 16.31 4.65 4.88
CA GLU B 85 14.91 5.04 4.75
C GLU B 85 14.11 3.94 4.07
N GLY B 86 12.94 3.65 4.63
CA GLY B 86 12.08 2.63 4.06
C GLY B 86 10.95 2.27 5.02
N ASP B 87 10.33 1.13 4.76
CA ASP B 87 9.22 0.63 5.58
C ASP B 87 9.71 -0.56 6.38
N TYR B 88 9.58 -0.49 7.70
CA TYR B 88 10.05 -1.51 8.61
C TYR B 88 8.85 -2.29 9.14
N TYR B 89 8.88 -3.61 8.98
CA TYR B 89 7.85 -4.51 9.49
C TYR B 89 8.45 -5.43 10.55
N CYS B 90 7.64 -5.79 11.52
CA CYS B 90 8.03 -6.76 12.55
C CYS B 90 7.15 -8.00 12.45
N LEU B 91 7.78 -9.17 12.54
CA LEU B 91 7.11 -10.45 12.43
C LEU B 91 7.29 -11.22 13.72
N VAL B 92 6.19 -11.66 14.32
CA VAL B 92 6.21 -12.37 15.59
C VAL B 92 5.43 -13.69 15.43
N HIS B 93 5.76 -14.64 16.30
CA HIS B 93 5.12 -15.95 16.32
C HIS B 93 4.22 -16.04 17.53
N TYR B 94 2.99 -16.53 17.33
CA TYR B 94 2.00 -16.60 18.39
C TYR B 94 0.92 -17.60 18.01
N ARG B 95 0.69 -18.58 18.89
CA ARG B 95 -0.33 -19.61 18.68
C ARG B 95 -0.14 -20.33 17.35
N GLY B 96 1.11 -20.74 17.09
CA GLY B 96 1.41 -21.53 15.92
C GLY B 96 1.26 -20.81 14.60
N ALA B 97 1.48 -19.49 14.57
CA ALA B 97 1.35 -18.73 13.34
C ALA B 97 2.23 -17.49 13.43
N TRP B 98 2.64 -16.99 12.26
CA TRP B 98 3.43 -15.77 12.15
C TRP B 98 2.52 -14.61 11.80
N VAL B 99 2.68 -13.49 12.51
CA VAL B 99 1.84 -12.32 12.33
C VAL B 99 2.74 -11.14 11.99
N PHE B 100 2.44 -10.45 10.90
CA PHE B 100 3.15 -9.24 10.52
C PHE B 100 2.47 -8.01 11.12
N GLY B 101 3.28 -6.98 11.38
CA GLY B 101 2.75 -5.72 11.86
C GLY B 101 2.34 -4.80 10.71
N GLY B 102 1.67 -3.71 11.09
CA GLY B 102 1.23 -2.74 10.09
C GLY B 102 2.39 -2.06 9.37
N GLY B 103 3.54 -2.00 10.02
CA GLY B 103 4.71 -1.40 9.42
C GLY B 103 4.90 0.05 9.83
N THR B 104 6.14 0.50 9.81
CA THR B 104 6.50 1.87 10.15
C THR B 104 7.28 2.48 9.01
N ARG B 105 6.82 3.63 8.51
CA ARG B 105 7.51 4.35 7.45
C ARG B 105 8.53 5.28 8.09
N LEU B 106 9.81 4.92 7.97
CA LEU B 106 10.91 5.70 8.54
C LEU B 106 11.53 6.56 7.45
N THR B 107 11.62 7.86 7.70
CA THR B 107 12.19 8.81 6.76
C THR B 107 13.42 9.46 7.36
N VAL B 108 14.51 9.47 6.60
CA VAL B 108 15.73 10.17 6.99
C VAL B 108 15.67 11.56 6.36
N LEU B 109 15.41 12.57 7.19
CA LEU B 109 15.15 13.92 6.72
C LEU B 109 16.36 14.53 6.02
N SER B 110 16.35 14.52 4.69
CA SER B 110 17.36 15.23 3.90
C SER B 110 17.02 16.69 3.68
N GLN B 111 15.82 17.11 4.06
CA GLN B 111 15.36 18.49 3.91
C GLN B 111 14.26 18.74 4.94
N PRO B 112 13.98 19.99 5.27
CA PRO B 112 12.94 20.28 6.28
C PRO B 112 11.58 19.75 5.86
N LYS B 113 10.66 19.76 6.82
CA LYS B 113 9.32 19.24 6.59
C LYS B 113 8.50 20.22 5.76
N ALA B 114 7.68 19.68 4.87
CA ALA B 114 6.83 20.46 3.99
C ALA B 114 5.37 20.17 4.31
N ALA B 115 4.56 21.23 4.43
CA ALA B 115 3.15 21.07 4.73
C ALA B 115 2.36 20.84 3.44
N PRO B 116 1.33 20.00 3.48
CA PRO B 116 0.55 19.72 2.28
C PRO B 116 -0.50 20.78 1.99
N SER B 117 -0.80 20.95 0.71
CA SER B 117 -1.90 21.78 0.25
C SER B 117 -3.04 20.87 -0.18
N VAL B 118 -4.21 21.08 0.40
CA VAL B 118 -5.37 20.21 0.23
C VAL B 118 -6.45 20.96 -0.53
N THR B 119 -7.00 20.32 -1.57
CA THR B 119 -8.12 20.86 -2.32
C THR B 119 -9.22 19.81 -2.33
N LEU B 120 -10.45 20.22 -1.98
CA LEU B 120 -11.60 19.33 -1.91
C LEU B 120 -12.63 19.77 -2.93
N PHE B 121 -13.03 18.85 -3.80
CA PHE B 121 -14.00 19.13 -4.85
C PHE B 121 -15.32 18.45 -4.57
N PRO B 122 -16.44 19.16 -4.66
CA PRO B 122 -17.74 18.53 -4.50
C PRO B 122 -18.12 17.74 -5.75
N PRO B 123 -19.13 16.89 -5.68
CA PRO B 123 -19.55 16.15 -6.88
C PRO B 123 -20.11 17.09 -7.93
N SER B 124 -19.71 16.87 -9.17
CA SER B 124 -20.20 17.68 -10.27
C SER B 124 -21.67 17.39 -10.56
N SER B 125 -22.31 18.33 -11.24
CA SER B 125 -23.72 18.16 -11.60
C SER B 125 -23.92 17.07 -12.64
N GLU B 126 -22.90 16.76 -13.45
CA GLU B 126 -23.03 15.69 -14.43
C GLU B 126 -23.11 14.33 -13.75
N GLU B 127 -22.35 14.14 -12.67
CA GLU B 127 -22.31 12.85 -12.01
C GLU B 127 -23.61 12.55 -11.28
N LEU B 128 -24.29 13.58 -10.78
CA LEU B 128 -25.54 13.37 -10.05
C LEU B 128 -26.62 12.82 -10.98
N GLN B 129 -26.64 13.27 -12.23
CA GLN B 129 -27.59 12.72 -13.20
C GLN B 129 -27.16 11.35 -13.71
N ALA B 130 -25.88 11.00 -13.55
CA ALA B 130 -25.43 9.62 -13.71
C ALA B 130 -25.71 8.77 -12.47
N ASN B 131 -26.43 9.35 -11.51
CA ASN B 131 -26.82 8.65 -10.28
C ASN B 131 -25.61 8.20 -9.47
N LYS B 132 -24.58 9.05 -9.44
CA LYS B 132 -23.39 8.80 -8.65
C LYS B 132 -22.95 10.10 -7.99
N ALA B 133 -22.05 9.98 -7.02
CA ALA B 133 -21.52 11.14 -6.31
C ALA B 133 -20.16 10.78 -5.75
N THR B 134 -19.13 11.54 -6.13
CA THR B 134 -17.76 11.27 -5.73
C THR B 134 -17.11 12.54 -5.21
N LEU B 135 -16.52 12.47 -4.02
CA LEU B 135 -15.76 13.56 -3.44
C LEU B 135 -14.28 13.32 -3.69
N VAL B 136 -13.60 14.32 -4.23
CA VAL B 136 -12.19 14.23 -4.60
C VAL B 136 -11.39 15.11 -3.65
N CYS B 137 -10.52 14.49 -2.86
CA CYS B 137 -9.65 15.20 -1.92
C CYS B 137 -8.22 15.03 -2.37
N LEU B 138 -7.61 16.11 -2.86
CA LEU B 138 -6.28 16.07 -3.47
C LEU B 138 -5.25 16.62 -2.50
N ILE B 139 -4.14 15.91 -2.35
CA ILE B 139 -3.06 16.28 -1.44
C ILE B 139 -1.75 16.30 -2.23
N SER B 140 -0.92 17.31 -1.98
CA SER B 140 0.34 17.43 -2.71
C SER B 140 1.31 18.28 -1.91
N ASP B 141 2.59 18.20 -2.30
CA ASP B 141 3.65 19.05 -1.76
C ASP B 141 3.84 18.86 -0.25
N PHE B 142 3.81 17.60 0.20
CA PHE B 142 4.08 17.28 1.59
C PHE B 142 5.30 16.38 1.68
N TYR B 143 6.10 16.60 2.73
CA TYR B 143 7.30 15.83 2.99
C TYR B 143 7.46 15.76 4.51
N PRO B 144 7.71 14.57 5.07
CA PRO B 144 7.89 13.29 4.38
C PRO B 144 6.58 12.69 3.83
N GLY B 145 6.71 11.65 3.02
CA GLY B 145 5.56 11.05 2.37
C GLY B 145 4.78 10.10 3.25
N ALA B 146 4.25 10.61 4.36
CA ALA B 146 3.42 9.83 5.27
C ALA B 146 2.26 10.71 5.72
N VAL B 147 1.03 10.24 5.48
CA VAL B 147 -0.16 11.05 5.75
C VAL B 147 -1.31 10.11 6.10
N THR B 148 -2.28 10.64 6.85
CA THR B 148 -3.47 9.91 7.25
C THR B 148 -4.70 10.72 6.84
N VAL B 149 -5.61 10.09 6.11
CA VAL B 149 -6.80 10.76 5.59
C VAL B 149 -8.03 10.15 6.24
N ALA B 150 -8.94 11.01 6.71
CA ALA B 150 -10.20 10.57 7.30
C ALA B 150 -11.35 11.39 6.76
N TRP B 151 -12.52 10.77 6.70
CA TRP B 151 -13.73 11.41 6.23
C TRP B 151 -14.79 11.39 7.33
N LYS B 152 -15.63 12.42 7.34
CA LYS B 152 -16.71 12.59 8.30
C LYS B 152 -17.94 13.12 7.57
N ALA B 153 -19.09 12.50 7.77
CA ALA B 153 -20.36 13.08 7.33
C ALA B 153 -21.01 13.75 8.54
N ASP B 154 -21.31 15.04 8.41
CA ASP B 154 -21.76 15.84 9.55
C ASP B 154 -20.74 15.73 10.68
N SER B 155 -21.13 15.13 11.80
CA SER B 155 -20.24 14.95 12.94
C SER B 155 -19.88 13.48 13.18
N SER B 156 -20.17 12.60 12.24
CA SER B 156 -19.88 11.19 12.41
C SER B 156 -18.81 10.73 11.42
N PRO B 157 -17.85 9.93 11.87
CA PRO B 157 -16.80 9.45 10.97
C PRO B 157 -17.36 8.53 9.89
N VAL B 158 -16.70 8.54 8.73
CA VAL B 158 -17.11 7.77 7.57
C VAL B 158 -15.95 6.90 7.13
N LYS B 159 -16.21 5.60 6.97
CA LYS B 159 -15.23 4.67 6.45
C LYS B 159 -15.72 3.85 5.26
N ALA B 160 -17.03 3.72 5.07
CA ALA B 160 -17.56 2.98 3.92
C ALA B 160 -17.55 3.85 2.68
N GLY B 161 -16.97 3.36 1.61
CA GLY B 161 -16.87 4.09 0.37
C GLY B 161 -15.64 4.94 0.21
N VAL B 162 -14.62 4.74 1.04
CA VAL B 162 -13.39 5.52 1.00
C VAL B 162 -12.29 4.69 0.34
N GLU B 163 -11.53 5.32 -0.55
CA GLU B 163 -10.39 4.68 -1.18
C GLU B 163 -9.31 5.73 -1.41
N THR B 164 -8.12 5.47 -0.88
CA THR B 164 -7.03 6.44 -0.88
C THR B 164 -5.76 5.78 -1.39
N THR B 165 -4.96 6.55 -2.14
CA THR B 165 -3.70 6.05 -2.65
C THR B 165 -2.59 6.23 -1.62
N THR B 166 -1.45 5.62 -1.89
CA THR B 166 -0.24 5.82 -1.11
C THR B 166 0.58 6.96 -1.72
N PRO B 167 1.39 7.65 -0.91
CA PRO B 167 2.17 8.77 -1.43
C PRO B 167 3.13 8.33 -2.53
N SER B 168 3.19 9.14 -3.60
CA SER B 168 4.09 8.92 -4.71
C SER B 168 5.05 10.11 -4.82
N LYS B 169 6.28 9.81 -5.23
CA LYS B 169 7.31 10.84 -5.27
C LYS B 169 7.09 11.78 -6.45
N GLN B 170 7.08 13.08 -6.17
CA GLN B 170 6.92 14.09 -7.21
C GLN B 170 8.28 14.35 -7.87
N SER B 171 8.33 15.40 -8.71
CA SER B 171 9.60 15.76 -9.35
C SER B 171 10.49 16.55 -8.40
N ASN B 172 9.91 17.40 -7.55
CA ASN B 172 10.65 18.19 -6.59
C ASN B 172 10.89 17.45 -5.28
N ASN B 173 10.99 16.12 -5.33
CA ASN B 173 11.28 15.25 -4.20
C ASN B 173 10.20 15.30 -3.12
N LYS B 174 9.05 15.92 -3.39
CA LYS B 174 7.93 15.91 -2.46
C LYS B 174 6.98 14.77 -2.84
N TYR B 175 5.87 14.68 -2.12
CA TYR B 175 4.92 13.58 -2.29
C TYR B 175 3.53 14.12 -2.52
N ALA B 176 2.68 13.27 -3.12
CA ALA B 176 1.30 13.61 -3.41
C ALA B 176 0.42 12.39 -3.20
N ALA B 177 -0.85 12.64 -2.94
CA ALA B 177 -1.82 11.57 -2.73
C ALA B 177 -3.22 12.12 -2.96
N SER B 178 -4.18 11.21 -3.07
CA SER B 178 -5.57 11.61 -3.27
C SER B 178 -6.48 10.60 -2.59
N SER B 179 -7.64 11.08 -2.13
CA SER B 179 -8.64 10.26 -1.48
C SER B 179 -9.99 10.51 -2.13
N TYR B 180 -10.78 9.43 -2.25
CA TYR B 180 -12.08 9.50 -2.91
C TYR B 180 -13.15 8.95 -1.97
N LEU B 181 -14.32 9.57 -1.98
CA LEU B 181 -15.46 9.13 -1.19
C LEU B 181 -16.65 8.97 -2.13
N SER B 182 -17.00 7.72 -2.45
CA SER B 182 -18.13 7.43 -3.32
C SER B 182 -19.41 7.40 -2.50
N LEU B 183 -20.39 8.19 -2.91
CA LEU B 183 -21.66 8.31 -2.22
C LEU B 183 -22.81 8.20 -3.21
N THR B 184 -24.00 7.92 -2.67
CA THR B 184 -25.18 7.98 -3.51
C THR B 184 -25.74 9.40 -3.52
N PRO B 185 -26.45 9.79 -4.59
CA PRO B 185 -27.03 11.15 -4.62
C PRO B 185 -27.94 11.45 -3.44
N GLU B 186 -28.60 10.44 -2.88
CA GLU B 186 -29.45 10.67 -1.71
C GLU B 186 -28.63 10.92 -0.46
N GLN B 187 -27.46 10.26 -0.33
CA GLN B 187 -26.59 10.50 0.81
C GLN B 187 -25.98 11.90 0.76
N TRP B 188 -25.66 12.37 -0.45
CA TRP B 188 -25.09 13.70 -0.62
C TRP B 188 -26.06 14.80 -0.20
N LYS B 189 -27.37 14.54 -0.26
CA LYS B 189 -28.37 15.53 0.11
C LYS B 189 -28.92 15.35 1.52
N SER B 190 -28.74 14.18 2.12
CA SER B 190 -29.24 13.92 3.46
C SER B 190 -28.26 14.30 4.55
N HIS B 191 -27.21 15.06 4.22
CA HIS B 191 -26.24 15.52 5.20
C HIS B 191 -25.91 16.97 4.93
N ARG B 192 -25.63 17.72 6.00
CA ARG B 192 -25.38 19.15 5.84
C ARG B 192 -24.00 19.42 5.27
N SER B 193 -23.03 18.54 5.52
CA SER B 193 -21.66 18.78 5.05
C SER B 193 -20.87 17.49 5.06
N TYR B 194 -19.76 17.51 4.32
CA TYR B 194 -18.76 16.46 4.28
C TYR B 194 -17.40 17.13 4.30
N SER B 195 -16.43 16.47 4.94
CA SER B 195 -15.12 17.06 5.18
C SER B 195 -14.05 16.04 4.84
N CYS B 196 -12.87 16.53 4.50
CA CYS B 196 -11.70 15.67 4.30
C CYS B 196 -10.60 16.10 5.26
N GLN B 197 -10.28 15.23 6.21
CA GLN B 197 -9.28 15.52 7.22
C GLN B 197 -7.95 14.93 6.79
N VAL B 198 -6.91 15.77 6.82
CA VAL B 198 -5.57 15.39 6.41
C VAL B 198 -4.63 15.70 7.57
N THR B 199 -4.03 14.65 8.14
CA THR B 199 -3.10 14.79 9.26
C THR B 199 -1.70 14.48 8.78
N HIS B 200 -0.77 15.41 9.03
CA HIS B 200 0.61 15.28 8.58
C HIS B 200 1.53 15.88 9.63
N GLU B 201 2.37 15.05 10.24
CA GLU B 201 3.36 15.48 11.23
C GLU B 201 2.70 16.21 12.39
N GLY B 202 1.56 15.69 12.84
CA GLY B 202 0.84 16.27 13.96
C GLY B 202 -0.03 17.46 13.62
N SER B 203 0.08 18.01 12.42
CA SER B 203 -0.74 19.14 11.98
C SER B 203 -1.86 18.63 11.09
N THR B 204 -3.07 19.12 11.32
CA THR B 204 -4.27 18.64 10.64
C THR B 204 -4.88 19.75 9.80
N VAL B 205 -5.26 19.41 8.58
CA VAL B 205 -5.98 20.32 7.68
C VAL B 205 -7.30 19.66 7.32
N GLU B 206 -8.40 20.43 7.42
CA GLU B 206 -9.73 19.91 7.18
C GLU B 206 -10.47 20.85 6.23
N LYS B 207 -10.90 20.32 5.09
CA LYS B 207 -11.73 21.04 4.13
C LYS B 207 -13.14 20.50 4.19
N THR B 208 -14.12 21.36 3.88
CA THR B 208 -15.53 21.00 4.02
C THR B 208 -16.31 21.50 2.81
N VAL B 209 -17.19 20.66 2.30
CA VAL B 209 -18.12 21.03 1.23
C VAL B 209 -19.54 20.71 1.68
N ALA B 210 -20.50 21.43 1.11
CA ALA B 210 -21.90 21.27 1.49
C ALA B 210 -22.77 21.21 0.24
N PRO B 211 -23.83 20.38 0.26
CA PRO B 211 -24.72 20.36 -0.91
C PRO B 211 -25.50 21.65 -1.09
N THR B 212 -25.90 22.38 -0.02
CA THR B 212 -26.69 23.67 -0.18
C THR B 212 -25.79 24.84 -0.59
#